data_4UOA
#
_entry.id   4UOA
#
_cell.length_a   99.678
_cell.length_b   99.678
_cell.length_c   397.212
_cell.angle_alpha   90.00
_cell.angle_beta   90.00
_cell.angle_gamma   120.00
#
_symmetry.space_group_name_H-M   'H 3 2'
#
loop_
_entity.id
_entity.type
_entity.pdbx_description
1 polymer HA1
2 polymer HA2
3 branched 2-acetamido-2-deoxy-beta-D-glucopyranose-(1-4)-2-acetamido-2-deoxy-beta-D-glucopyranose
4 branched beta-D-mannopyranose-(1-4)-2-acetamido-2-deoxy-beta-D-glucopyranose-(1-4)-2-acetamido-2-deoxy-beta-D-glucopyranose
5 branched alpha-D-mannopyranose-(1-6)-beta-D-mannopyranose-(1-4)-2-acetamido-2-deoxy-beta-D-glucopyranose-(1-4)-2-acetamido-2-deoxy-beta-D-glucopyranose
6 non-polymer 2-acetamido-2-deoxy-beta-D-glucopyranose
7 non-polymer 'SULFATE ION'
8 water water
#
loop_
_entity_poly.entity_id
_entity_poly.type
_entity_poly.pdbx_seq_one_letter_code
_entity_poly.pdbx_strand_id
1 'polypeptide(L)'
;QNPSGNNTATLCLGHHAVANGTLVKTISDDQIEVTNATELVQSISMGKICNKSYRILDGRNCTLIDAMLGDPHCDAFQYE
SWDLFIERSNAFSNCYPYDIPDYASLRSIVASSGTVEFTAEGFTWTGVTQNGRSGACKRGSADSFFSRLNWLTKSGSSYP
TLNVTMPNNKNFDKLYIWGIHHPSSNQEQTKLYIQESGRVTVSTKRSQQTIIPNIGSRPLVRGQSGRISIYWTIVKPGDI
LMINSNGNLVAPRGYFKLNTGKSSVMRSDVPIDICVSECITPNGSISNDKPFQNVNKVTYGKCPKYIRQNTLKLATGMRN
VPEKQTR
;
A
2 'polypeptide(L)'
;GIFGAIAGFIENGWEGMVDGWYGFRYQNSEGTGQAADLKSTQAAIDQINGKLNRVIERTNEKFHQIEKEFSEVEGRIQDL
EKYVEDTKIDLWSYNAELLVALENQHTIDLTDAEMNKLFEKTRRQLRENAEDMGDGCFKIYHKCDNACIESIRTGTYDHY
VYRDEALNNRFQSGR
;
B
#
loop_
_chem_comp.id
_chem_comp.type
_chem_comp.name
_chem_comp.formula
BMA D-saccharide, beta linking beta-D-mannopyranose 'C6 H12 O6'
MAN D-saccharide, alpha linking alpha-D-mannopyranose 'C6 H12 O6'
NAG D-saccharide, beta linking 2-acetamido-2-deoxy-beta-D-glucopyranose 'C8 H15 N O6'
SO4 non-polymer 'SULFATE ION' 'O4 S -2'
#
# COMPACT_ATOMS: atom_id res chain seq x y z
N GLN A 1 10.81 29.95 -52.78
CA GLN A 1 12.00 30.33 -53.59
C GLN A 1 13.27 29.80 -52.93
N ASN A 2 14.09 29.10 -53.71
CA ASN A 2 15.30 28.44 -53.19
C ASN A 2 16.53 28.64 -54.09
N PRO A 3 17.72 28.24 -53.61
CA PRO A 3 18.08 27.72 -52.29
C PRO A 3 18.87 28.71 -51.41
N SER A 4 19.47 29.72 -52.04
CA SER A 4 20.27 30.79 -51.39
C SER A 4 21.78 30.48 -51.25
N GLY A 5 22.12 29.26 -50.81
CA GLY A 5 23.46 28.94 -50.35
C GLY A 5 24.52 28.68 -51.42
N ASN A 6 25.05 29.75 -52.00
CA ASN A 6 26.07 29.61 -53.04
C ASN A 6 27.47 29.23 -52.51
N ASN A 7 28.01 30.01 -51.57
CA ASN A 7 29.29 29.65 -50.95
C ASN A 7 29.12 29.41 -49.46
N THR A 8 27.87 29.31 -49.01
CA THR A 8 27.58 29.18 -47.60
C THR A 8 26.36 28.30 -47.35
N ALA A 9 26.15 27.99 -46.07
CA ALA A 9 24.97 27.31 -45.59
C ALA A 9 24.83 27.67 -44.12
N THR A 10 23.64 27.51 -43.56
CA THR A 10 23.45 27.72 -42.14
C THR A 10 22.89 26.46 -41.54
N LEU A 11 23.28 26.18 -40.29
CA LEU A 11 22.83 24.98 -39.60
C LEU A 11 22.39 25.37 -38.22
N CYS A 12 21.10 25.21 -37.91
CA CYS A 12 20.53 25.62 -36.65
C CYS A 12 20.25 24.40 -35.81
N LEU A 13 20.49 24.53 -34.51
CA LEU A 13 20.09 23.49 -33.59
C LEU A 13 18.79 23.86 -32.93
N GLY A 14 18.06 22.84 -32.49
CA GLY A 14 16.83 23.08 -31.82
C GLY A 14 16.34 21.86 -31.09
N HIS A 15 15.18 22.02 -30.49
CA HIS A 15 14.53 20.95 -29.76
C HIS A 15 13.04 21.07 -30.04
N HIS A 16 12.29 20.02 -29.72
CA HIS A 16 10.87 20.04 -29.98
C HIS A 16 10.11 20.81 -28.91
N ALA A 17 8.85 21.07 -29.21
CA ALA A 17 7.90 21.65 -28.27
C ALA A 17 6.53 21.07 -28.61
N VAL A 18 5.61 21.11 -27.67
CA VAL A 18 4.24 20.73 -27.96
C VAL A 18 3.36 21.95 -27.79
N ALA A 19 2.19 21.93 -28.42
CA ALA A 19 1.30 23.07 -28.38
C ALA A 19 0.90 23.36 -26.93
N ASN A 20 0.41 22.34 -26.23
CA ASN A 20 -0.02 22.50 -24.85
C ASN A 20 0.74 21.58 -23.90
N GLY A 21 1.64 22.17 -23.12
CA GLY A 21 2.39 21.44 -22.13
C GLY A 21 1.66 21.33 -20.81
N THR A 22 2.39 21.01 -19.76
CA THR A 22 1.82 20.87 -18.42
C THR A 22 2.78 21.37 -17.35
N LEU A 23 2.20 21.94 -16.29
CA LEU A 23 2.97 22.58 -15.22
C LEU A 23 3.45 21.54 -14.24
N VAL A 24 4.75 21.53 -13.98
CA VAL A 24 5.31 20.81 -12.85
C VAL A 24 6.07 21.77 -11.94
N LYS A 25 6.45 21.26 -10.77
CA LYS A 25 7.24 22.04 -9.82
C LYS A 25 8.66 21.48 -9.71
N THR A 26 9.61 22.39 -9.49
CA THR A 26 11.01 22.02 -9.26
C THR A 26 11.53 22.73 -8.02
N ILE A 27 12.80 22.52 -7.72
CA ILE A 27 13.47 23.28 -6.67
C ILE A 27 13.65 24.75 -7.05
N SER A 28 13.75 25.03 -8.35
CA SER A 28 13.99 26.40 -8.86
C SER A 28 12.75 27.24 -9.07
N ASP A 29 11.63 26.60 -9.42
CA ASP A 29 10.41 27.34 -9.76
C ASP A 29 9.20 26.67 -9.16
N ASP A 30 8.22 27.48 -8.82
CA ASP A 30 6.96 26.97 -8.30
C ASP A 30 6.25 26.20 -9.40
N GLN A 31 6.18 26.81 -10.58
CA GLN A 31 5.53 26.23 -11.74
C GLN A 31 6.37 26.47 -12.98
N ILE A 32 6.60 25.41 -13.74
CA ILE A 32 7.31 25.53 -15.00
C ILE A 32 6.71 24.53 -15.99
N GLU A 33 6.57 24.96 -17.24
CA GLU A 33 5.86 24.18 -18.23
C GLU A 33 6.78 23.17 -18.88
N VAL A 34 6.34 21.92 -18.93
CA VAL A 34 7.08 20.87 -19.60
C VAL A 34 6.21 20.17 -20.66
N THR A 35 6.87 19.50 -21.60
CA THR A 35 6.20 18.85 -22.71
C THR A 35 5.26 17.74 -22.23
N ASN A 36 5.63 17.10 -21.13
CA ASN A 36 4.92 15.91 -20.68
C ASN A 36 5.24 15.60 -19.23
N ALA A 37 4.22 15.25 -18.45
CA ALA A 37 4.39 14.83 -17.07
C ALA A 37 3.56 13.58 -16.74
N THR A 38 3.93 12.90 -15.66
CA THR A 38 3.22 11.71 -15.22
C THR A 38 2.77 11.85 -13.76
N GLU A 39 1.58 11.33 -13.47
CA GLU A 39 1.00 11.42 -12.15
C GLU A 39 1.60 10.36 -11.25
N LEU A 40 2.03 10.78 -10.06
CA LEU A 40 2.67 9.89 -9.10
C LEU A 40 1.78 9.45 -7.94
N VAL A 41 0.59 10.04 -7.83
CA VAL A 41 -0.30 9.72 -6.73
C VAL A 41 -1.52 8.99 -7.24
N GLN A 42 -1.79 7.82 -6.66
CA GLN A 42 -3.02 7.10 -6.95
C GLN A 42 -4.12 7.65 -6.06
N SER A 43 -5.12 8.29 -6.67
CA SER A 43 -6.23 8.90 -5.94
C SER A 43 -7.57 8.21 -6.21
N ILE A 44 -7.59 7.32 -7.19
CA ILE A 44 -8.78 6.60 -7.58
C ILE A 44 -8.64 5.17 -7.09
N SER A 45 -9.69 4.72 -6.41
CA SER A 45 -9.87 3.32 -6.05
C SER A 45 -10.56 2.61 -7.21
N MET A 46 -10.56 1.28 -7.19
CA MET A 46 -11.29 0.52 -8.19
C MET A 46 -12.79 0.50 -7.86
N GLY A 47 -13.14 0.84 -6.62
CA GLY A 47 -14.53 0.87 -6.16
C GLY A 47 -15.03 -0.46 -5.60
N LYS A 48 -14.20 -1.51 -5.71
CA LYS A 48 -14.57 -2.85 -5.30
C LYS A 48 -13.32 -3.53 -4.74
N ILE A 49 -13.53 -4.62 -4.02
CA ILE A 49 -12.42 -5.43 -3.52
C ILE A 49 -12.27 -6.67 -4.40
N CYS A 50 -11.08 -6.82 -4.98
CA CYS A 50 -10.82 -7.86 -5.95
C CYS A 50 -10.62 -9.24 -5.32
N ASN A 51 -11.30 -10.25 -5.86
CA ASN A 51 -11.21 -11.60 -5.34
C ASN A 51 -9.83 -12.24 -5.55
N LYS A 52 -9.05 -11.69 -6.48
CA LYS A 52 -7.68 -12.11 -6.74
C LYS A 52 -6.75 -10.92 -6.55
N SER A 53 -5.48 -11.14 -6.22
CA SER A 53 -4.86 -12.48 -6.16
C SER A 53 -4.84 -13.07 -4.75
N TYR A 54 -5.17 -12.27 -3.75
CA TYR A 54 -5.26 -12.75 -2.38
C TYR A 54 -6.57 -13.46 -2.11
N ARG A 55 -6.56 -14.32 -1.09
CA ARG A 55 -7.75 -15.03 -0.65
C ARG A 55 -8.55 -14.15 0.32
N ILE A 56 -9.65 -13.60 -0.17
CA ILE A 56 -10.48 -12.65 0.59
C ILE A 56 -11.69 -13.37 1.15
N LEU A 57 -11.91 -13.22 2.45
CA LEU A 57 -13.08 -13.79 3.11
C LEU A 57 -14.00 -12.68 3.61
N ASP A 58 -15.21 -12.65 3.04
CA ASP A 58 -16.23 -11.70 3.43
C ASP A 58 -16.96 -12.18 4.69
N GLY A 59 -16.81 -11.43 5.78
CA GLY A 59 -17.50 -11.77 7.03
C GLY A 59 -19.01 -11.65 6.95
N ARG A 60 -19.51 -10.84 6.01
CA ARG A 60 -20.94 -10.55 5.91
C ARG A 60 -21.53 -10.09 7.26
N ASN A 61 -22.21 -10.97 7.98
CA ASN A 61 -22.84 -10.62 9.25
C ASN A 61 -21.98 -10.93 10.48
N CYS A 62 -20.78 -11.46 10.28
CA CYS A 62 -19.98 -11.92 11.40
C CYS A 62 -18.74 -11.07 11.61
N THR A 63 -18.41 -10.84 12.89
CA THR A 63 -17.08 -10.37 13.25
C THR A 63 -16.14 -11.56 13.21
N LEU A 64 -14.85 -11.26 13.11
CA LEU A 64 -13.84 -12.31 13.15
C LEU A 64 -13.95 -13.10 14.47
N ILE A 65 -14.19 -12.40 15.59
CA ILE A 65 -14.24 -13.04 16.90
C ILE A 65 -15.42 -13.99 17.07
N ASP A 66 -16.61 -13.54 16.63
CA ASP A 66 -17.81 -14.36 16.69
C ASP A 66 -17.65 -15.64 15.88
N ALA A 67 -17.08 -15.52 14.69
CA ALA A 67 -16.80 -16.69 13.87
C ALA A 67 -15.84 -17.64 14.58
N MET A 68 -14.88 -17.06 15.29
CA MET A 68 -13.91 -17.82 16.07
C MET A 68 -14.53 -18.48 17.30
N LEU A 69 -15.40 -17.75 18.00
CA LEU A 69 -16.12 -18.32 19.15
C LEU A 69 -17.08 -19.41 18.70
N GLY A 70 -17.67 -19.22 17.52
CA GLY A 70 -18.63 -20.18 16.99
C GLY A 70 -20.08 -19.78 17.25
N ASP A 71 -20.38 -18.51 17.04
CA ASP A 71 -21.76 -18.02 17.07
C ASP A 71 -22.56 -18.73 15.96
N PRO A 72 -23.75 -19.28 16.28
CA PRO A 72 -24.57 -20.04 15.32
C PRO A 72 -24.65 -19.47 13.91
N HIS A 73 -24.97 -18.18 13.79
CA HIS A 73 -25.09 -17.57 12.46
C HIS A 73 -23.73 -17.44 11.74
N CYS A 74 -22.65 -17.80 12.44
CA CYS A 74 -21.30 -17.88 11.86
C CYS A 74 -20.77 -19.33 11.68
N ASP A 75 -21.65 -20.32 11.67
CA ASP A 75 -21.22 -21.73 11.47
C ASP A 75 -20.57 -21.98 10.11
N ALA A 76 -20.94 -21.20 9.09
CA ALA A 76 -20.37 -21.36 7.74
C ALA A 76 -18.90 -20.97 7.64
N PHE A 77 -18.36 -20.31 8.66
CA PHE A 77 -16.96 -19.90 8.66
C PHE A 77 -16.05 -20.90 9.36
N GLN A 78 -16.65 -21.94 9.96
CA GLN A 78 -15.92 -22.80 10.89
C GLN A 78 -14.68 -23.49 10.30
N TYR A 79 -14.69 -23.77 9.00
CA TYR A 79 -13.54 -24.40 8.34
C TYR A 79 -12.72 -23.43 7.47
N GLU A 80 -12.76 -22.14 7.79
CA GLU A 80 -12.25 -21.13 6.86
C GLU A 80 -10.87 -20.56 7.19
N SER A 81 -10.15 -20.28 6.11
CA SER A 81 -8.86 -19.61 6.12
C SER A 81 -8.96 -18.42 5.19
N TRP A 82 -8.03 -17.50 5.32
CA TRP A 82 -8.03 -16.29 4.51
C TRP A 82 -6.63 -15.68 4.52
N ASP A 83 -6.36 -14.87 3.52
CA ASP A 83 -5.26 -13.91 3.60
C ASP A 83 -5.82 -12.63 4.25
N LEU A 84 -7.00 -12.19 3.82
CA LEU A 84 -7.63 -11.00 4.39
C LEU A 84 -9.11 -11.22 4.71
N PHE A 85 -9.47 -10.98 5.97
CA PHE A 85 -10.84 -11.10 6.46
C PHE A 85 -11.50 -9.73 6.48
N ILE A 86 -12.61 -9.60 5.77
CA ILE A 86 -13.34 -8.34 5.72
C ILE A 86 -14.46 -8.34 6.75
N GLU A 87 -14.40 -7.38 7.68
CA GLU A 87 -15.49 -7.15 8.64
C GLU A 87 -16.37 -6.00 8.16
N ARG A 88 -17.68 -6.24 8.10
CA ARG A 88 -18.67 -5.25 7.71
C ARG A 88 -19.18 -4.50 8.94
N SER A 89 -19.58 -3.25 8.75
CA SER A 89 -20.16 -2.45 9.84
C SER A 89 -21.46 -3.09 10.29
N ASN A 90 -22.18 -3.65 9.31
CA ASN A 90 -23.40 -4.41 9.51
C ASN A 90 -23.34 -5.53 10.54
N ALA A 91 -22.15 -6.07 10.80
CA ALA A 91 -21.99 -7.24 11.67
C ALA A 91 -22.71 -7.08 13.00
N PHE A 92 -23.09 -8.21 13.58
CA PHE A 92 -23.72 -8.23 14.90
C PHE A 92 -23.53 -9.59 15.53
N SER A 93 -23.47 -9.60 16.84
CA SER A 93 -23.48 -10.84 17.60
C SER A 93 -24.93 -11.27 17.77
N ASN A 94 -25.15 -12.58 17.83
CA ASN A 94 -26.48 -13.12 18.08
C ASN A 94 -26.43 -14.34 18.99
N CYS A 95 -25.55 -14.30 19.97
CA CYS A 95 -25.41 -15.36 20.96
C CYS A 95 -25.47 -14.73 22.35
N TYR A 96 -24.92 -15.40 23.36
CA TYR A 96 -24.96 -14.88 24.72
C TYR A 96 -24.13 -13.60 24.83
N PRO A 97 -24.69 -12.54 25.45
CA PRO A 97 -23.91 -11.31 25.58
C PRO A 97 -22.58 -11.55 26.28
N TYR A 98 -21.50 -11.09 25.66
CA TYR A 98 -20.16 -11.31 26.18
C TYR A 98 -19.30 -10.05 26.13
N ASP A 99 -18.20 -10.06 26.88
CA ASP A 99 -17.13 -9.10 26.66
C ASP A 99 -15.77 -9.83 26.71
N ILE A 100 -14.76 -9.16 26.16
CA ILE A 100 -13.40 -9.68 26.13
C ILE A 100 -12.42 -8.59 26.54
N PRO A 101 -11.80 -8.72 27.73
CA PRO A 101 -10.70 -7.82 28.05
C PRO A 101 -9.57 -7.90 27.01
N ASP A 102 -9.17 -6.74 26.50
CA ASP A 102 -8.21 -6.63 25.40
C ASP A 102 -8.70 -7.41 24.15
N TYR A 103 -9.97 -7.16 23.81
CA TYR A 103 -10.61 -7.67 22.59
C TYR A 103 -9.75 -7.45 21.35
N ALA A 104 -9.29 -6.21 21.16
CA ALA A 104 -8.45 -5.84 20.03
C ALA A 104 -7.23 -6.77 19.88
N SER A 105 -6.54 -7.05 20.98
CA SER A 105 -5.39 -7.95 20.95
C SER A 105 -5.76 -9.31 20.42
N LEU A 106 -6.89 -9.85 20.87
CA LEU A 106 -7.32 -11.18 20.45
C LEU A 106 -7.69 -11.18 18.97
N ARG A 107 -8.47 -10.19 18.59
CA ARG A 107 -8.83 -9.97 17.18
C ARG A 107 -7.57 -9.91 16.31
N SER A 108 -6.58 -9.18 16.80
CA SER A 108 -5.30 -9.05 16.11
C SER A 108 -4.58 -10.39 15.97
N ILE A 109 -4.58 -11.17 17.04
CA ILE A 109 -3.89 -12.47 17.05
C ILE A 109 -4.51 -13.47 16.06
N VAL A 110 -5.85 -13.53 16.05
CA VAL A 110 -6.56 -14.46 15.17
C VAL A 110 -6.44 -14.01 13.72
N ALA A 111 -6.61 -12.71 13.49
CA ALA A 111 -6.40 -12.11 12.17
C ALA A 111 -5.07 -12.51 11.56
N SER A 112 -3.97 -12.36 12.31
CA SER A 112 -2.63 -12.75 11.85
C SER A 112 -2.54 -14.24 11.52
N SER A 113 -3.18 -15.05 12.35
CA SER A 113 -3.19 -16.51 12.18
C SER A 113 -3.86 -16.91 10.87
N GLY A 114 -4.79 -16.08 10.39
CA GLY A 114 -5.41 -16.29 9.09
C GLY A 114 -6.31 -17.50 8.99
N THR A 115 -6.77 -18.02 10.12
CA THR A 115 -7.62 -19.20 10.13
C THR A 115 -8.51 -19.23 11.36
N VAL A 116 -9.66 -19.85 11.22
CA VAL A 116 -10.55 -20.08 12.35
C VAL A 116 -10.83 -21.57 12.54
N GLU A 117 -10.09 -22.42 11.82
CA GLU A 117 -10.22 -23.86 11.95
C GLU A 117 -9.83 -24.29 13.35
N PHE A 118 -10.62 -25.21 13.90
CA PHE A 118 -10.58 -25.57 15.30
C PHE A 118 -10.23 -27.04 15.41
N THR A 119 -9.45 -27.40 16.41
CA THR A 119 -9.10 -28.80 16.67
C THR A 119 -9.64 -29.19 18.02
N ALA A 120 -10.65 -30.05 18.01
CA ALA A 120 -11.21 -30.60 19.25
C ALA A 120 -10.17 -31.41 19.99
N GLU A 121 -10.22 -31.34 21.32
CA GLU A 121 -9.39 -32.17 22.19
C GLU A 121 -10.29 -32.86 23.19
N GLY A 122 -9.88 -34.05 23.63
CA GLY A 122 -10.70 -34.87 24.53
C GLY A 122 -10.62 -34.46 25.99
N PHE A 123 -11.12 -33.26 26.31
CA PHE A 123 -11.19 -32.78 27.69
C PHE A 123 -12.21 -33.58 28.48
N THR A 124 -11.88 -33.92 29.72
CA THR A 124 -12.75 -34.73 30.57
C THR A 124 -13.23 -33.95 31.79
N TRP A 125 -14.55 -33.80 31.92
CA TRP A 125 -15.17 -32.95 32.93
C TRP A 125 -16.00 -33.79 33.93
N THR A 126 -15.32 -34.33 34.95
CA THR A 126 -15.97 -35.21 35.93
C THR A 126 -16.83 -34.44 36.94
N GLY A 127 -18.06 -34.90 37.14
CA GLY A 127 -18.96 -34.32 38.14
C GLY A 127 -19.75 -33.11 37.69
N VAL A 128 -19.84 -32.89 36.37
CA VAL A 128 -20.55 -31.74 35.83
C VAL A 128 -21.30 -32.08 34.55
N THR A 129 -22.41 -31.38 34.34
CA THR A 129 -23.16 -31.47 33.09
C THR A 129 -22.50 -30.58 32.02
N GLN A 130 -22.49 -31.08 30.79
CA GLN A 130 -21.84 -30.39 29.68
C GLN A 130 -22.83 -29.90 28.65
N ASN A 131 -22.37 -28.97 27.82
CA ASN A 131 -23.13 -28.48 26.69
C ASN A 131 -24.38 -27.70 27.13
N GLY A 132 -24.17 -26.74 28.03
CA GLY A 132 -25.25 -25.88 28.51
C GLY A 132 -25.76 -25.00 27.38
N ARG A 133 -27.04 -24.62 27.44
CA ARG A 133 -27.68 -23.88 26.35
C ARG A 133 -28.31 -22.58 26.83
N SER A 134 -28.88 -21.82 25.88
CA SER A 134 -29.50 -20.52 26.17
C SER A 134 -30.41 -20.06 25.05
N GLY A 135 -31.61 -19.57 25.42
CA GLY A 135 -32.56 -18.99 24.46
C GLY A 135 -32.06 -17.75 23.74
N ALA A 136 -31.00 -17.13 24.28
CA ALA A 136 -30.33 -16.00 23.64
C ALA A 136 -29.38 -16.39 22.52
N CYS A 137 -29.20 -17.69 22.30
CA CYS A 137 -28.28 -18.19 21.29
C CYS A 137 -28.89 -19.36 20.52
N LYS A 138 -29.91 -19.04 19.72
CA LYS A 138 -30.62 -20.03 18.91
C LYS A 138 -29.74 -20.61 17.79
N ARG A 139 -29.72 -21.93 17.66
CA ARG A 139 -29.07 -22.61 16.54
C ARG A 139 -30.15 -23.31 15.75
N GLY A 140 -30.50 -22.73 14.59
CA GLY A 140 -31.75 -23.06 13.92
C GLY A 140 -32.87 -22.47 14.75
N SER A 141 -33.76 -23.33 15.24
CA SER A 141 -34.85 -22.91 16.15
C SER A 141 -34.59 -23.35 17.60
N ALA A 142 -33.86 -24.45 17.76
CA ALA A 142 -33.47 -24.93 19.09
C ALA A 142 -32.41 -23.98 19.65
N ASP A 143 -32.40 -23.83 20.97
CA ASP A 143 -31.46 -22.92 21.61
C ASP A 143 -30.13 -23.63 21.90
N SER A 144 -29.04 -22.87 21.87
CA SER A 144 -27.70 -23.44 21.80
C SER A 144 -26.65 -22.58 22.50
N PHE A 145 -25.40 -22.68 22.06
CA PHE A 145 -24.29 -21.93 22.65
C PHE A 145 -23.16 -21.77 21.62
N PHE A 146 -22.10 -21.05 21.99
CA PHE A 146 -20.89 -20.95 21.16
C PHE A 146 -20.31 -22.33 20.90
N SER A 147 -20.22 -22.73 19.64
CA SER A 147 -19.76 -24.07 19.30
C SER A 147 -18.37 -24.44 19.84
N ARG A 148 -17.50 -23.44 20.07
CA ARG A 148 -16.13 -23.72 20.53
C ARG A 148 -15.97 -23.69 22.05
N LEU A 149 -17.03 -23.27 22.75
CA LEU A 149 -17.01 -23.21 24.20
C LEU A 149 -17.96 -24.24 24.78
N ASN A 150 -17.71 -24.63 26.02
CA ASN A 150 -18.46 -25.72 26.65
C ASN A 150 -18.98 -25.26 28.00
N TRP A 151 -20.26 -24.91 28.04
CA TRP A 151 -20.87 -24.38 29.26
C TRP A 151 -21.16 -25.50 30.24
N LEU A 152 -20.34 -25.54 31.29
CA LEU A 152 -20.39 -26.59 32.30
C LEU A 152 -21.32 -26.15 33.43
N THR A 153 -22.15 -27.08 33.90
CA THR A 153 -23.06 -26.82 35.00
C THR A 153 -23.01 -27.98 36.00
N LYS A 154 -23.65 -27.79 37.15
CA LYS A 154 -23.74 -28.83 38.18
C LYS A 154 -24.41 -30.08 37.61
N SER A 155 -23.99 -31.25 38.10
CA SER A 155 -24.72 -32.49 37.82
C SER A 155 -25.39 -32.95 39.12
N GLY A 156 -26.72 -33.03 39.09
CA GLY A 156 -27.50 -33.36 40.28
C GLY A 156 -27.49 -32.23 41.28
N SER A 157 -26.92 -32.49 42.47
CA SER A 157 -26.78 -31.48 43.51
C SER A 157 -25.30 -31.20 43.78
N SER A 158 -24.46 -31.38 42.77
CA SER A 158 -23.01 -31.37 42.94
C SER A 158 -22.25 -30.61 41.84
N TYR A 159 -21.30 -29.78 42.27
CA TYR A 159 -20.33 -29.14 41.38
C TYR A 159 -18.94 -29.22 42.04
N PRO A 160 -18.17 -30.28 41.72
CA PRO A 160 -16.88 -30.50 42.37
C PRO A 160 -15.78 -29.66 41.74
N THR A 161 -14.69 -29.46 42.48
CA THR A 161 -13.58 -28.64 42.00
C THR A 161 -12.84 -29.38 40.87
N LEU A 162 -13.06 -28.91 39.64
CA LEU A 162 -12.46 -29.52 38.45
C LEU A 162 -11.00 -29.15 38.39
N ASN A 163 -10.13 -30.13 38.18
CA ASN A 163 -8.76 -29.81 37.80
C ASN A 163 -8.27 -30.73 36.68
N VAL A 164 -8.19 -30.13 35.50
CA VAL A 164 -8.00 -30.82 34.23
C VAL A 164 -6.70 -30.36 33.61
N THR A 165 -5.99 -31.31 32.99
CA THR A 165 -4.75 -31.00 32.28
C THR A 165 -4.92 -31.26 30.78
N MET A 166 -3.97 -30.74 30.01
CA MET A 166 -3.90 -30.96 28.59
C MET A 166 -2.51 -30.54 28.12
N PRO A 167 -1.60 -31.51 27.95
CA PRO A 167 -0.23 -31.17 27.53
C PRO A 167 -0.16 -30.79 26.06
N ASN A 168 0.81 -29.95 25.69
CA ASN A 168 1.07 -29.63 24.30
C ASN A 168 2.32 -30.37 23.83
N ASN A 169 2.11 -31.57 23.31
CA ASN A 169 3.21 -32.39 22.81
C ASN A 169 3.39 -32.25 21.29
N LYS A 170 2.99 -31.09 20.76
CA LYS A 170 3.16 -30.76 19.33
C LYS A 170 4.16 -29.63 19.17
N ASN A 171 4.56 -29.37 17.92
CA ASN A 171 5.67 -28.43 17.65
C ASN A 171 5.26 -26.97 17.46
N PHE A 172 4.05 -26.63 17.88
CA PHE A 172 3.53 -25.27 17.73
C PHE A 172 2.74 -24.82 18.95
N ASP A 173 2.58 -23.51 19.08
CA ASP A 173 1.79 -22.92 20.16
C ASP A 173 0.31 -23.24 19.92
N LYS A 174 -0.38 -23.63 21.00
CA LYS A 174 -1.82 -23.80 20.99
C LYS A 174 -2.49 -22.59 21.63
N LEU A 175 -3.52 -22.06 20.97
CA LEU A 175 -4.31 -20.96 21.52
C LEU A 175 -5.63 -21.48 22.06
N TYR A 176 -5.86 -21.30 23.35
CA TYR A 176 -7.10 -21.71 23.98
C TYR A 176 -7.96 -20.50 24.29
N ILE A 177 -9.22 -20.55 23.85
CA ILE A 177 -10.24 -19.60 24.23
C ILE A 177 -11.09 -20.21 25.34
N TRP A 178 -11.28 -19.45 26.42
CA TRP A 178 -12.16 -19.87 27.51
C TRP A 178 -12.83 -18.66 28.12
N GLY A 179 -13.72 -18.89 29.10
CA GLY A 179 -14.36 -17.77 29.77
C GLY A 179 -15.02 -18.08 31.11
N ILE A 180 -15.73 -17.08 31.61
CA ILE A 180 -16.42 -17.19 32.90
C ILE A 180 -17.87 -16.73 32.73
N HIS A 181 -18.77 -17.28 33.54
CA HIS A 181 -20.16 -16.83 33.56
C HIS A 181 -20.39 -15.88 34.74
N HIS A 182 -20.90 -14.70 34.43
CA HIS A 182 -21.32 -13.74 35.44
C HIS A 182 -22.84 -13.83 35.58
N PRO A 183 -23.33 -14.56 36.59
CA PRO A 183 -24.79 -14.67 36.72
C PRO A 183 -25.45 -13.36 37.16
N SER A 184 -26.68 -13.14 36.72
CA SER A 184 -27.42 -11.92 37.04
C SER A 184 -27.93 -11.88 38.49
N SER A 185 -28.05 -13.05 39.13
CA SER A 185 -28.54 -13.15 40.51
C SER A 185 -27.99 -14.38 41.22
N ASN A 186 -28.04 -14.35 42.56
CA ASN A 186 -27.51 -15.46 43.37
C ASN A 186 -28.34 -16.74 43.30
N GLN A 187 -29.65 -16.60 43.05
CA GLN A 187 -30.51 -17.75 42.73
C GLN A 187 -29.94 -18.55 41.58
N GLU A 188 -29.57 -17.84 40.51
CA GLU A 188 -29.02 -18.44 39.30
C GLU A 188 -27.63 -19.05 39.55
N GLN A 189 -26.79 -18.34 40.30
CA GLN A 189 -25.44 -18.81 40.67
C GLN A 189 -25.50 -20.17 41.34
N THR A 190 -26.28 -20.26 42.41
CA THR A 190 -26.39 -21.50 43.18
C THR A 190 -27.19 -22.58 42.44
N LYS A 191 -28.18 -22.17 41.64
CA LYS A 191 -28.93 -23.12 40.82
C LYS A 191 -28.05 -23.75 39.75
N LEU A 192 -27.11 -22.96 39.20
CA LEU A 192 -26.24 -23.45 38.12
C LEU A 192 -24.96 -24.10 38.63
N TYR A 193 -24.36 -23.51 39.68
CA TYR A 193 -23.04 -23.93 40.16
C TYR A 193 -22.97 -24.30 41.65
N ILE A 194 -24.10 -24.20 42.36
CA ILE A 194 -24.19 -24.55 43.79
C ILE A 194 -23.46 -23.58 44.72
N GLN A 195 -22.14 -23.46 44.56
CA GLN A 195 -21.35 -22.56 45.40
C GLN A 195 -21.82 -21.13 45.22
N GLU A 196 -21.81 -20.35 46.30
CA GLU A 196 -22.29 -18.97 46.28
C GLU A 196 -21.38 -18.06 45.45
N SER A 197 -20.11 -18.44 45.34
CA SER A 197 -19.14 -17.69 44.55
C SER A 197 -18.25 -18.64 43.76
N GLY A 198 -18.13 -18.38 42.47
CA GLY A 198 -17.28 -19.19 41.61
C GLY A 198 -15.88 -18.63 41.49
N ARG A 199 -15.03 -19.37 40.78
CA ARG A 199 -13.72 -18.88 40.39
C ARG A 199 -13.17 -19.78 39.30
N VAL A 200 -12.28 -19.23 38.48
CA VAL A 200 -11.60 -20.00 37.45
C VAL A 200 -10.12 -19.59 37.40
N THR A 201 -9.24 -20.60 37.40
CA THR A 201 -7.80 -20.38 37.31
C THR A 201 -7.26 -21.26 36.21
N VAL A 202 -6.75 -20.62 35.16
CA VAL A 202 -6.11 -21.33 34.06
C VAL A 202 -4.63 -21.02 34.14
N SER A 203 -3.81 -22.06 34.12
CA SER A 203 -2.37 -21.87 34.26
C SER A 203 -1.54 -22.77 33.36
N THR A 204 -0.26 -22.45 33.32
CA THR A 204 0.76 -23.26 32.66
C THR A 204 1.99 -23.25 33.58
N LYS A 205 3.15 -23.67 33.08
CA LYS A 205 4.39 -23.61 33.88
C LYS A 205 4.88 -22.18 34.08
N ARG A 206 4.62 -21.36 33.07
CA ARG A 206 5.19 -20.02 32.97
C ARG A 206 4.23 -18.90 33.37
N SER A 207 2.91 -19.20 33.41
CA SER A 207 1.90 -18.17 33.58
C SER A 207 0.64 -18.66 34.27
N GLN A 208 -0.14 -17.71 34.78
CA GLN A 208 -1.45 -18.01 35.36
C GLN A 208 -2.42 -16.84 35.22
N GLN A 209 -3.71 -17.15 35.19
CA GLN A 209 -4.76 -16.13 35.21
C GLN A 209 -5.90 -16.62 36.07
N THR A 210 -6.27 -15.84 37.08
CA THR A 210 -7.44 -16.14 37.91
C THR A 210 -8.54 -15.08 37.74
N ILE A 211 -9.76 -15.54 37.56
CA ILE A 211 -10.91 -14.68 37.39
C ILE A 211 -12.00 -15.05 38.40
N ILE A 212 -12.56 -14.06 39.07
CA ILE A 212 -13.74 -14.24 39.92
C ILE A 212 -14.96 -13.65 39.22
N PRO A 213 -16.13 -14.30 39.31
CA PRO A 213 -17.33 -13.68 38.72
C PRO A 213 -17.98 -12.66 39.64
N ASN A 214 -18.62 -11.67 39.03
CA ASN A 214 -19.42 -10.65 39.72
C ASN A 214 -20.89 -10.94 39.45
N ILE A 215 -21.63 -11.27 40.49
CA ILE A 215 -23.05 -11.53 40.35
C ILE A 215 -23.81 -10.21 40.37
N GLY A 216 -24.72 -10.03 39.41
CA GLY A 216 -25.58 -8.84 39.40
C GLY A 216 -26.13 -8.53 38.01
N SER A 217 -27.23 -7.78 37.98
CA SER A 217 -27.89 -7.45 36.72
C SER A 217 -27.08 -6.47 35.88
N ARG A 218 -26.87 -6.82 34.61
CA ARG A 218 -26.37 -5.89 33.58
C ARG A 218 -27.54 -5.57 32.66
N PRO A 219 -27.40 -4.54 31.80
CA PRO A 219 -28.53 -4.20 30.92
C PRO A 219 -28.90 -5.36 29.99
N LEU A 220 -30.18 -5.46 29.67
CA LEU A 220 -30.68 -6.59 28.87
C LEU A 220 -30.23 -6.43 27.42
N VAL A 221 -29.55 -7.47 26.93
CA VAL A 221 -29.30 -7.62 25.49
C VAL A 221 -29.64 -9.06 25.13
N ARG A 222 -30.46 -9.23 24.10
CA ARG A 222 -30.96 -10.53 23.66
C ARG A 222 -31.58 -11.34 24.81
N GLY A 223 -32.31 -10.65 25.70
CA GLY A 223 -33.02 -11.28 26.81
C GLY A 223 -32.20 -11.61 28.05
N GLN A 224 -30.91 -11.33 28.01
CA GLN A 224 -30.00 -11.75 29.07
C GLN A 224 -29.46 -10.60 29.90
N SER A 225 -29.57 -10.73 31.22
CA SER A 225 -28.98 -9.77 32.15
C SER A 225 -27.57 -10.19 32.57
N GLY A 226 -27.22 -11.46 32.38
CA GLY A 226 -25.90 -11.99 32.73
C GLY A 226 -24.90 -11.77 31.61
N ARG A 227 -23.64 -12.15 31.86
CA ARG A 227 -22.56 -11.97 30.88
C ARG A 227 -21.58 -13.13 30.91
N ILE A 228 -20.84 -13.27 29.82
CA ILE A 228 -19.69 -14.15 29.79
C ILE A 228 -18.45 -13.34 29.43
N SER A 229 -17.41 -13.46 30.25
CA SER A 229 -16.14 -12.79 29.97
C SER A 229 -15.19 -13.80 29.37
N ILE A 230 -14.56 -13.42 28.26
CA ILE A 230 -13.75 -14.34 27.48
C ILE A 230 -12.28 -14.02 27.66
N TYR A 231 -11.49 -15.06 27.84
CA TYR A 231 -10.07 -14.93 28.03
C TYR A 231 -9.36 -15.95 27.17
N TRP A 232 -8.03 -15.87 27.14
CA TRP A 232 -7.25 -16.79 26.32
C TRP A 232 -5.87 -17.09 26.92
N THR A 233 -5.33 -18.23 26.52
CA THR A 233 -4.05 -18.70 27.01
C THR A 233 -3.30 -19.36 25.86
N ILE A 234 -2.00 -19.10 25.77
CA ILE A 234 -1.17 -19.71 24.74
C ILE A 234 -0.23 -20.73 25.40
N VAL A 235 -0.44 -22.00 25.05
CA VAL A 235 0.35 -23.10 25.58
C VAL A 235 1.49 -23.40 24.62
N LYS A 236 2.72 -23.29 25.12
CA LYS A 236 3.91 -23.52 24.30
C LYS A 236 4.23 -25.01 24.22
N PRO A 237 4.88 -25.45 23.13
CA PRO A 237 5.32 -26.84 22.98
C PRO A 237 6.10 -27.35 24.20
N GLY A 238 5.63 -28.43 24.80
CA GLY A 238 6.24 -28.98 26.01
C GLY A 238 5.66 -28.45 27.31
N ASP A 239 4.80 -27.43 27.21
CA ASP A 239 4.11 -26.88 28.37
C ASP A 239 2.80 -27.66 28.54
N ILE A 240 2.00 -27.30 29.53
CA ILE A 240 0.75 -27.99 29.79
C ILE A 240 -0.34 -27.03 30.27
N LEU A 241 -1.52 -27.15 29.67
CA LEU A 241 -2.67 -26.36 30.11
C LEU A 241 -3.26 -26.99 31.36
N MET A 242 -3.42 -26.20 32.41
CA MET A 242 -4.15 -26.64 33.59
C MET A 242 -5.32 -25.70 33.84
N ILE A 243 -6.45 -26.29 34.21
CA ILE A 243 -7.69 -25.56 34.45
C ILE A 243 -8.25 -25.99 35.81
N ASN A 244 -8.63 -25.02 36.63
CA ASN A 244 -9.14 -25.27 37.97
C ASN A 244 -10.36 -24.41 38.24
N SER A 245 -11.44 -25.02 38.71
CA SER A 245 -12.69 -24.30 38.86
C SER A 245 -13.63 -24.96 39.86
N ASN A 246 -14.19 -24.14 40.75
CA ASN A 246 -15.28 -24.57 41.64
C ASN A 246 -16.64 -24.07 41.13
N GLY A 247 -16.65 -23.47 39.95
CA GLY A 247 -17.88 -22.94 39.36
C GLY A 247 -17.64 -21.83 38.37
N ASN A 248 -18.58 -21.69 37.43
CA ASN A 248 -18.67 -20.54 36.49
C ASN A 248 -17.73 -20.63 35.27
N LEU A 249 -17.06 -21.77 35.13
CA LEU A 249 -16.20 -22.07 33.98
C LEU A 249 -17.01 -22.23 32.68
N VAL A 250 -16.60 -21.49 31.64
CA VAL A 250 -17.08 -21.72 30.27
C VAL A 250 -15.89 -22.33 29.52
N ALA A 251 -15.93 -23.65 29.37
CA ALA A 251 -14.73 -24.41 29.06
C ALA A 251 -14.41 -24.46 27.56
N PRO A 252 -13.13 -24.59 27.22
CA PRO A 252 -12.75 -24.79 25.84
C PRO A 252 -13.05 -26.23 25.41
N ARG A 253 -13.26 -26.43 24.11
CA ARG A 253 -13.40 -27.77 23.54
C ARG A 253 -12.11 -28.22 22.85
N GLY A 254 -11.18 -27.28 22.67
CA GLY A 254 -9.94 -27.58 22.01
C GLY A 254 -9.19 -26.30 21.76
N TYR A 255 -8.31 -26.33 20.78
CA TYR A 255 -7.43 -25.21 20.51
C TYR A 255 -7.49 -24.76 19.07
N PHE A 256 -6.95 -23.56 18.86
CA PHE A 256 -6.64 -23.05 17.54
C PHE A 256 -5.13 -23.10 17.33
N LYS A 257 -4.73 -23.35 16.09
CA LYS A 257 -3.34 -23.43 15.72
C LYS A 257 -2.85 -22.03 15.38
N LEU A 258 -1.92 -21.52 16.18
CA LEU A 258 -1.23 -20.26 15.87
C LEU A 258 -0.11 -20.55 14.87
N ASN A 259 -0.03 -19.70 13.85
CA ASN A 259 1.04 -19.79 12.86
C ASN A 259 1.46 -18.39 12.46
N THR A 260 2.74 -18.20 12.18
CA THR A 260 3.25 -16.94 11.66
C THR A 260 2.57 -16.69 10.32
N GLY A 261 1.66 -15.71 10.31
CA GLY A 261 0.80 -15.50 9.16
C GLY A 261 0.95 -14.12 8.57
N LYS A 262 0.83 -14.08 7.24
CA LYS A 262 0.76 -12.85 6.48
C LYS A 262 -0.71 -12.51 6.22
N SER A 263 -1.58 -12.91 7.15
CA SER A 263 -3.02 -12.66 7.07
C SER A 263 -3.39 -11.47 7.95
N SER A 264 -4.53 -10.85 7.67
CA SER A 264 -4.99 -9.73 8.47
C SER A 264 -6.50 -9.57 8.37
N VAL A 265 -7.01 -8.50 8.95
CA VAL A 265 -8.43 -8.21 8.94
C VAL A 265 -8.62 -6.74 8.60
N MET A 266 -9.70 -6.42 7.91
CA MET A 266 -9.92 -5.05 7.47
C MET A 266 -11.40 -4.67 7.49
N ARG A 267 -11.69 -3.52 8.12
CA ARG A 267 -13.05 -2.99 8.16
C ARG A 267 -13.36 -2.31 6.82
N SER A 268 -14.47 -2.70 6.19
CA SER A 268 -14.84 -2.13 4.89
C SER A 268 -16.28 -2.45 4.53
N ASP A 269 -16.92 -1.58 3.75
CA ASP A 269 -18.29 -1.83 3.30
C ASP A 269 -18.48 -1.84 1.78
N VAL A 270 -17.40 -2.05 1.02
CA VAL A 270 -17.52 -2.14 -0.43
C VAL A 270 -17.64 -3.60 -0.85
N PRO A 271 -18.34 -3.86 -1.97
CA PRO A 271 -18.51 -5.25 -2.39
C PRO A 271 -17.22 -5.87 -2.91
N ILE A 272 -17.15 -7.19 -2.81
CA ILE A 272 -16.08 -7.95 -3.42
C ILE A 272 -16.51 -8.31 -4.85
N ASP A 273 -15.57 -8.32 -5.79
CA ASP A 273 -15.91 -8.63 -7.18
C ASP A 273 -14.77 -9.31 -7.94
N ILE A 274 -15.08 -9.75 -9.17
CA ILE A 274 -14.13 -10.42 -10.05
C ILE A 274 -13.18 -9.44 -10.74
N CYS A 275 -11.93 -9.42 -10.28
CA CYS A 275 -10.88 -8.59 -10.86
C CYS A 275 -9.59 -8.99 -10.17
N VAL A 276 -8.46 -8.47 -10.65
CA VAL A 276 -7.18 -8.80 -10.05
C VAL A 276 -6.50 -7.55 -9.50
N SER A 277 -5.97 -7.66 -8.29
CA SER A 277 -5.22 -6.58 -7.66
C SER A 277 -4.27 -7.15 -6.61
N GLU A 278 -3.23 -6.38 -6.29
CA GLU A 278 -2.25 -6.78 -5.29
C GLU A 278 -2.27 -5.85 -4.08
N CYS A 279 -3.25 -4.95 -4.01
CA CYS A 279 -3.33 -3.99 -2.92
C CYS A 279 -4.77 -3.73 -2.62
N ILE A 280 -5.11 -3.71 -1.34
CA ILE A 280 -6.49 -3.59 -0.89
C ILE A 280 -6.61 -2.52 0.20
N THR A 281 -7.71 -1.77 0.14
CA THR A 281 -7.92 -0.59 0.95
C THR A 281 -9.39 -0.65 1.38
N PRO A 282 -9.77 0.02 2.48
CA PRO A 282 -11.19 0.06 2.85
C PRO A 282 -12.13 0.61 1.79
N ASN A 283 -11.60 1.40 0.86
CA ASN A 283 -12.34 1.89 -0.29
C ASN A 283 -12.36 0.94 -1.46
N GLY A 284 -11.63 -0.16 -1.35
CA GLY A 284 -11.50 -1.11 -2.43
C GLY A 284 -10.05 -1.34 -2.78
N SER A 285 -9.84 -2.19 -3.77
CA SER A 285 -8.52 -2.41 -4.30
C SER A 285 -8.08 -1.17 -5.03
N ILE A 286 -6.77 -0.97 -5.10
CA ILE A 286 -6.20 0.11 -5.88
C ILE A 286 -5.07 -0.44 -6.74
N SER A 287 -4.91 0.14 -7.92
CA SER A 287 -3.73 -0.12 -8.74
C SER A 287 -2.45 0.23 -7.97
N ASN A 288 -1.37 -0.45 -8.29
CA ASN A 288 -0.09 -0.16 -7.64
C ASN A 288 1.07 0.16 -8.59
N ASP A 289 0.77 0.54 -9.83
CA ASP A 289 1.82 0.98 -10.75
C ASP A 289 2.47 2.29 -10.31
N LYS A 290 1.72 3.17 -9.65
CA LYS A 290 2.26 4.40 -9.07
C LYS A 290 2.88 4.10 -7.72
N PRO A 291 3.87 4.90 -7.29
CA PRO A 291 4.55 4.74 -5.99
C PRO A 291 3.87 5.43 -4.80
N PHE A 292 2.93 6.33 -5.05
CA PHE A 292 2.26 7.03 -3.97
C PHE A 292 0.77 6.89 -4.08
N GLN A 293 0.09 7.27 -3.01
CA GLN A 293 -1.22 6.79 -2.74
C GLN A 293 -1.93 7.72 -1.76
N ASN A 294 -3.09 8.23 -2.13
CA ASN A 294 -3.87 9.12 -1.27
C ASN A 294 -5.29 8.61 -0.99
N VAL A 295 -5.55 7.35 -1.29
CA VAL A 295 -6.88 6.76 -1.11
C VAL A 295 -7.16 6.50 0.36
N ASN A 296 -6.27 5.74 1.00
CA ASN A 296 -6.42 5.39 2.41
C ASN A 296 -5.09 4.97 3.03
N LYS A 297 -4.90 5.32 4.30
CA LYS A 297 -3.72 4.87 5.04
C LYS A 297 -3.83 3.41 5.48
N VAL A 298 -5.05 2.86 5.47
CA VAL A 298 -5.23 1.45 5.78
C VAL A 298 -5.06 0.63 4.50
N THR A 299 -4.05 -0.22 4.45
CA THR A 299 -3.82 -1.04 3.26
C THR A 299 -3.37 -2.46 3.58
N TYR A 300 -3.42 -3.32 2.58
CA TYR A 300 -2.92 -4.67 2.70
C TYR A 300 -2.44 -5.10 1.32
N GLY A 301 -1.25 -5.71 1.28
CA GLY A 301 -0.69 -6.23 0.04
C GLY A 301 0.55 -5.50 -0.42
N LYS A 302 0.74 -5.46 -1.74
CA LYS A 302 1.80 -4.67 -2.34
C LYS A 302 1.23 -3.29 -2.61
N CYS A 303 1.35 -2.39 -1.64
CA CYS A 303 0.67 -1.10 -1.71
C CYS A 303 1.59 0.09 -1.90
N PRO A 304 1.19 1.03 -2.77
CA PRO A 304 1.89 2.31 -2.80
C PRO A 304 1.81 2.99 -1.44
N LYS A 305 2.77 3.85 -1.15
CA LYS A 305 2.84 4.51 0.16
C LYS A 305 1.81 5.62 0.23
N TYR A 306 1.14 5.70 1.38
CA TYR A 306 0.14 6.74 1.61
C TYR A 306 0.79 8.07 1.95
N ILE A 307 0.33 9.13 1.29
CA ILE A 307 0.79 10.50 1.56
C ILE A 307 -0.35 11.50 1.57
N ARG A 308 -0.12 12.64 2.21
CA ARG A 308 -1.10 13.72 2.29
C ARG A 308 -1.51 14.33 0.94
N GLN A 309 -0.59 14.38 -0.02
CA GLN A 309 -0.83 15.14 -1.25
C GLN A 309 -1.75 14.35 -2.17
N ASN A 310 -2.62 15.07 -2.86
CA ASN A 310 -3.58 14.43 -3.76
C ASN A 310 -3.07 14.30 -5.20
N THR A 311 -2.05 15.08 -5.54
CA THR A 311 -1.40 14.99 -6.85
C THR A 311 0.06 15.40 -6.76
N LEU A 312 0.89 14.69 -7.51
CA LEU A 312 2.31 14.99 -7.63
C LEU A 312 2.74 14.67 -9.06
N LYS A 313 3.14 15.70 -9.81
CA LYS A 313 3.42 15.56 -11.24
C LYS A 313 4.93 15.46 -11.51
N LEU A 314 5.35 14.36 -12.10
CA LEU A 314 6.74 14.12 -12.44
C LEU A 314 6.96 14.46 -13.90
N ALA A 315 7.92 15.34 -14.19
CA ALA A 315 8.23 15.70 -15.56
C ALA A 315 8.81 14.49 -16.28
N THR A 316 8.34 14.22 -17.49
CA THR A 316 8.93 13.17 -18.33
C THR A 316 9.28 13.72 -19.70
N GLY A 317 9.59 15.01 -19.73
CA GLY A 317 10.04 15.71 -20.92
C GLY A 317 10.73 17.01 -20.54
N MET A 318 11.26 17.70 -21.53
CA MET A 318 11.94 18.98 -21.32
C MET A 318 10.95 20.11 -21.12
N ARG A 319 11.47 21.23 -20.66
CA ARG A 319 10.72 22.46 -20.60
C ARG A 319 10.13 22.78 -21.95
N ASN A 320 8.84 23.13 -21.98
CA ASN A 320 8.14 23.42 -23.21
C ASN A 320 8.22 24.91 -23.49
N VAL A 321 8.74 25.24 -24.67
CA VAL A 321 8.95 26.62 -25.09
C VAL A 321 8.36 26.79 -26.48
N PRO A 322 7.06 27.10 -26.58
CA PRO A 322 6.51 27.36 -27.91
C PRO A 322 6.79 28.78 -28.35
N GLU A 323 6.74 29.01 -29.67
CA GLU A 323 6.70 30.37 -30.23
C GLU A 323 5.56 31.12 -29.54
N LYS A 324 5.77 32.37 -29.11
CA LYS A 324 6.88 33.23 -29.55
C LYS A 324 8.17 32.95 -28.77
N GLY B 1 17.09 27.09 -17.29
CA GLY B 1 18.17 26.08 -17.08
C GLY B 1 19.56 26.70 -16.88
N ILE B 2 20.40 25.98 -16.15
CA ILE B 2 21.76 26.44 -15.84
C ILE B 2 22.69 26.50 -17.05
N PHE B 3 22.32 25.83 -18.14
CA PHE B 3 23.12 25.93 -19.37
C PHE B 3 22.67 27.02 -20.30
N GLY B 4 21.48 27.56 -20.06
CA GLY B 4 20.97 28.68 -20.85
C GLY B 4 20.73 28.37 -22.30
N ALA B 5 20.46 27.11 -22.63
CA ALA B 5 20.17 26.72 -24.01
C ALA B 5 18.66 26.74 -24.28
N ILE B 6 17.92 25.89 -23.57
CA ILE B 6 16.47 25.84 -23.71
C ILE B 6 15.84 27.05 -23.03
N ALA B 7 14.94 27.73 -23.75
CA ALA B 7 14.49 29.06 -23.35
C ALA B 7 15.66 29.98 -23.02
N GLY B 8 16.71 29.91 -23.83
CA GLY B 8 17.91 30.73 -23.69
C GLY B 8 18.39 31.15 -25.05
N PHE B 9 19.59 30.72 -25.45
CA PHE B 9 20.09 31.12 -26.76
C PHE B 9 19.39 30.38 -27.90
N ILE B 10 18.70 29.29 -27.59
CA ILE B 10 17.70 28.78 -28.49
C ILE B 10 16.35 29.39 -28.08
N GLU B 11 15.85 30.29 -28.92
CA GLU B 11 14.71 31.14 -28.58
C GLU B 11 13.45 30.35 -28.27
N ASN B 12 13.16 29.34 -29.09
CA ASN B 12 12.02 28.47 -28.82
C ASN B 12 12.19 27.08 -29.39
N GLY B 13 11.36 26.16 -28.92
CA GLY B 13 11.25 24.83 -29.49
C GLY B 13 10.45 24.80 -30.77
N TRP B 14 10.60 23.69 -31.50
CA TRP B 14 10.00 23.48 -32.80
C TRP B 14 8.86 22.48 -32.71
N GLU B 15 7.63 22.93 -32.95
CA GLU B 15 6.47 22.02 -32.95
C GLU B 15 6.49 21.06 -34.13
N GLY B 16 7.01 21.52 -35.26
CA GLY B 16 7.08 20.71 -36.48
C GLY B 16 8.12 19.60 -36.47
N MET B 17 8.89 19.47 -35.39
CA MET B 17 9.75 18.31 -35.20
C MET B 17 9.04 17.27 -34.32
N VAL B 18 8.39 16.32 -34.97
CA VAL B 18 7.68 15.25 -34.27
C VAL B 18 8.54 13.99 -34.27
N ASP B 19 9.75 14.15 -34.78
CA ASP B 19 10.61 13.05 -35.17
C ASP B 19 11.67 12.73 -34.10
N GLY B 20 11.72 13.54 -33.04
CA GLY B 20 12.76 13.40 -32.04
C GLY B 20 12.66 14.54 -31.04
N TRP B 21 13.57 14.57 -30.07
CA TRP B 21 13.57 15.60 -29.05
C TRP B 21 14.49 16.75 -29.44
N TYR B 22 15.55 16.43 -30.15
CA TYR B 22 16.54 17.42 -30.57
C TYR B 22 16.84 17.17 -32.04
N GLY B 23 17.23 18.21 -32.76
CA GLY B 23 17.55 18.02 -34.15
C GLY B 23 18.11 19.26 -34.76
N PHE B 24 18.12 19.28 -36.09
CA PHE B 24 18.74 20.32 -36.87
C PHE B 24 17.76 20.88 -37.88
N ARG B 25 17.88 22.16 -38.16
CA ARG B 25 17.31 22.75 -39.35
C ARG B 25 18.46 23.38 -40.09
N TYR B 26 18.30 23.55 -41.38
CA TYR B 26 19.40 24.05 -42.16
C TYR B 26 18.95 24.57 -43.50
N GLN B 27 19.82 25.36 -44.10
CA GLN B 27 19.59 25.94 -45.39
C GLN B 27 20.88 25.81 -46.19
N ASN B 28 20.77 25.28 -47.40
CA ASN B 28 21.96 25.04 -48.19
C ASN B 28 21.69 25.08 -49.67
N SER B 29 22.61 24.59 -50.48
CA SER B 29 22.48 24.67 -51.92
C SER B 29 21.32 23.82 -52.48
N GLU B 30 20.89 22.79 -51.75
CA GLU B 30 19.79 21.95 -52.21
C GLU B 30 18.46 22.29 -51.52
N GLY B 31 18.42 23.42 -50.80
CA GLY B 31 17.18 23.92 -50.19
C GLY B 31 17.22 24.05 -48.68
N THR B 32 16.08 23.86 -48.03
CA THR B 32 16.02 23.90 -46.58
C THR B 32 15.73 22.52 -46.04
N GLY B 33 16.10 22.28 -44.79
CA GLY B 33 15.94 20.96 -44.22
C GLY B 33 15.66 20.91 -42.73
N GLN B 34 15.27 19.73 -42.30
CA GLN B 34 15.09 19.42 -40.91
C GLN B 34 15.40 17.95 -40.70
N ALA B 35 16.05 17.64 -39.58
CA ALA B 35 16.37 16.26 -39.23
C ALA B 35 16.54 16.08 -37.71
N ALA B 36 15.87 15.08 -37.16
CA ALA B 36 16.00 14.76 -35.74
C ALA B 36 17.37 14.18 -35.42
N ASP B 37 17.82 14.36 -34.18
CA ASP B 37 19.05 13.73 -33.67
C ASP B 37 18.73 12.64 -32.64
N LEU B 38 18.91 11.39 -33.07
CA LEU B 38 18.58 10.21 -32.27
C LEU B 38 19.45 10.01 -31.04
N LYS B 39 20.76 10.12 -31.23
CA LYS B 39 21.73 9.97 -30.14
C LYS B 39 21.35 10.79 -28.91
N SER B 40 21.12 12.08 -29.12
CA SER B 40 20.82 13.00 -28.02
C SER B 40 19.47 12.70 -27.41
N THR B 41 18.51 12.42 -28.28
CA THR B 41 17.16 12.10 -27.85
C THR B 41 17.12 10.89 -26.93
N GLN B 42 17.80 9.83 -27.33
CA GLN B 42 17.85 8.61 -26.57
C GLN B 42 18.64 8.80 -25.26
N ALA B 43 19.67 9.65 -25.30
CA ALA B 43 20.49 9.86 -24.13
C ALA B 43 19.64 10.46 -23.02
N ALA B 44 18.75 11.37 -23.40
CA ALA B 44 17.85 12.04 -22.47
C ALA B 44 16.73 11.12 -22.01
N ILE B 45 16.10 10.43 -22.95
CA ILE B 45 15.04 9.49 -22.62
C ILE B 45 15.53 8.42 -21.63
N ASP B 46 16.68 7.82 -21.91
CA ASP B 46 17.24 6.78 -21.06
C ASP B 46 17.49 7.22 -19.61
N GLN B 47 17.77 8.50 -19.41
CA GLN B 47 17.92 9.02 -18.05
C GLN B 47 16.58 9.29 -17.39
N ILE B 48 15.56 9.59 -18.19
CA ILE B 48 14.24 9.90 -17.65
C ILE B 48 13.46 8.63 -17.30
N ASN B 49 13.50 7.64 -18.19
CA ASN B 49 12.86 6.36 -17.94
C ASN B 49 13.42 5.58 -16.75
N GLY B 50 12.54 5.20 -15.83
CA GLY B 50 12.94 4.41 -14.67
C GLY B 50 13.73 5.23 -13.67
N LYS B 51 13.43 6.52 -13.61
CA LYS B 51 14.13 7.43 -12.73
C LYS B 51 13.78 7.13 -11.29
N LEU B 52 12.49 7.07 -10.98
CA LEU B 52 12.00 6.68 -9.67
C LEU B 52 12.51 5.31 -9.21
N ASN B 53 12.63 4.39 -10.14
CA ASN B 53 13.08 3.04 -9.81
C ASN B 53 14.49 2.99 -9.26
N ARG B 54 15.30 4.00 -9.56
CA ARG B 54 16.65 4.09 -8.98
C ARG B 54 16.62 4.44 -7.48
N VAL B 55 15.58 5.14 -7.04
CA VAL B 55 15.48 5.59 -5.66
C VAL B 55 14.44 4.81 -4.86
N ILE B 56 13.22 4.68 -5.40
CA ILE B 56 12.16 3.95 -4.73
C ILE B 56 12.31 2.48 -5.05
N GLU B 57 12.54 1.66 -4.03
CA GLU B 57 12.61 0.20 -4.20
C GLU B 57 11.24 -0.36 -4.52
N ARG B 58 11.24 -1.53 -5.18
CA ARG B 58 10.01 -2.24 -5.53
C ARG B 58 8.97 -2.23 -4.41
N THR B 59 7.75 -1.84 -4.75
CA THR B 59 6.59 -1.97 -3.87
C THR B 59 6.73 -3.21 -2.97
N ASN B 60 6.67 -2.99 -1.66
CA ASN B 60 6.98 -4.01 -0.67
C ASN B 60 5.72 -4.58 -0.03
N GLU B 61 5.60 -5.90 -0.05
CA GLU B 61 4.40 -6.60 0.43
C GLU B 61 4.26 -6.39 1.94
N LYS B 62 3.23 -5.63 2.35
CA LYS B 62 2.95 -5.43 3.78
C LYS B 62 1.61 -6.05 4.21
N PHE B 63 1.64 -6.75 5.33
CA PHE B 63 0.51 -7.58 5.75
C PHE B 63 -0.18 -7.04 7.00
N HIS B 64 -0.15 -7.79 8.11
CA HIS B 64 -0.83 -7.33 9.31
C HIS B 64 -0.06 -6.17 9.92
N GLN B 65 -0.78 -5.09 10.21
CA GLN B 65 -0.20 -3.88 10.75
C GLN B 65 -1.05 -3.48 11.94
N ILE B 66 -0.99 -2.23 12.35
CA ILE B 66 -1.80 -1.73 13.45
C ILE B 66 -3.12 -1.16 12.98
N GLU B 67 -4.05 -1.02 13.91
CA GLU B 67 -5.24 -0.22 13.69
C GLU B 67 -4.84 1.24 13.51
N LYS B 68 -5.53 1.92 12.59
CA LYS B 68 -5.29 3.32 12.31
C LYS B 68 -6.55 4.16 12.45
N GLU B 69 -7.68 3.51 12.73
CA GLU B 69 -8.95 4.21 12.93
C GLU B 69 -9.72 3.52 14.04
N PHE B 70 -10.43 4.30 14.85
CA PHE B 70 -10.95 3.81 16.11
C PHE B 70 -12.40 4.19 16.38
N SER B 71 -13.14 3.24 16.98
CA SER B 71 -14.58 3.37 17.21
C SER B 71 -14.89 4.12 18.50
N GLU B 72 -14.11 3.87 19.54
CA GLU B 72 -14.32 4.48 20.85
C GLU B 72 -13.08 5.19 21.35
N VAL B 73 -13.27 6.00 22.39
CA VAL B 73 -12.18 6.69 23.06
C VAL B 73 -11.53 5.74 24.05
N GLU B 74 -10.19 5.79 24.13
CA GLU B 74 -9.42 4.93 25.02
C GLU B 74 -8.36 5.69 25.80
N GLY B 75 -7.65 6.59 25.12
CA GLY B 75 -6.66 7.44 25.75
C GLY B 75 -5.25 7.09 25.34
N ARG B 76 -4.44 6.71 26.33
CA ARG B 76 -2.99 6.67 26.20
C ARG B 76 -2.49 5.92 24.99
N ILE B 77 -2.88 4.65 24.85
CA ILE B 77 -2.24 3.82 23.82
C ILE B 77 -2.84 4.10 22.43
N GLN B 78 -4.09 4.55 22.39
CA GLN B 78 -4.68 5.08 21.14
C GLN B 78 -4.01 6.39 20.68
N ASP B 79 -3.62 7.26 21.62
CA ASP B 79 -2.87 8.48 21.26
C ASP B 79 -1.55 8.13 20.59
N LEU B 80 -0.88 7.12 21.11
CA LEU B 80 0.39 6.66 20.58
C LEU B 80 0.23 6.03 19.21
N GLU B 81 -0.79 5.20 19.03
CA GLU B 81 -1.05 4.60 17.72
C GLU B 81 -1.26 5.69 16.67
N LYS B 82 -2.12 6.67 16.98
CA LYS B 82 -2.41 7.76 16.04
C LYS B 82 -1.17 8.58 15.71
N TYR B 83 -0.38 8.89 16.73
CA TYR B 83 0.80 9.72 16.60
C TYR B 83 1.88 9.04 15.78
N VAL B 84 2.01 7.73 15.93
CA VAL B 84 2.92 6.94 15.11
C VAL B 84 2.51 7.02 13.65
N GLU B 85 1.24 6.74 13.35
CA GLU B 85 0.77 6.80 11.96
C GLU B 85 0.88 8.22 11.39
N ASP B 86 0.51 9.22 12.18
CA ASP B 86 0.63 10.61 11.75
C ASP B 86 2.10 10.97 11.44
N THR B 87 3.01 10.52 12.29
CA THR B 87 4.43 10.77 12.09
C THR B 87 4.93 10.12 10.80
N LYS B 88 4.63 8.83 10.64
CA LYS B 88 4.97 8.11 9.42
C LYS B 88 4.50 8.85 8.18
N ILE B 89 3.23 9.22 8.15
CA ILE B 89 2.65 9.81 6.97
C ILE B 89 3.25 11.17 6.63
N ASP B 90 3.59 11.96 7.65
CA ASP B 90 4.19 13.27 7.41
C ASP B 90 5.60 13.16 6.87
N LEU B 91 6.33 12.14 7.32
CA LEU B 91 7.66 11.89 6.83
C LEU B 91 7.65 11.44 5.35
N TRP B 92 6.79 10.48 5.00
CA TRP B 92 6.67 10.06 3.58
C TRP B 92 6.11 11.14 2.68
N SER B 93 5.25 11.99 3.21
CA SER B 93 4.72 13.11 2.43
C SER B 93 5.86 14.07 2.10
N TYR B 94 6.69 14.36 3.10
CA TYR B 94 7.87 15.20 2.89
C TYR B 94 8.79 14.58 1.85
N ASN B 95 9.17 13.32 2.06
CA ASN B 95 9.99 12.60 1.08
C ASN B 95 9.45 12.70 -0.35
N ALA B 96 8.14 12.48 -0.51
CA ALA B 96 7.51 12.53 -1.83
C ALA B 96 7.64 13.92 -2.44
N GLU B 97 7.44 14.95 -1.62
CA GLU B 97 7.54 16.32 -2.09
C GLU B 97 8.97 16.59 -2.53
N LEU B 98 9.92 16.30 -1.65
CA LEU B 98 11.32 16.54 -1.95
C LEU B 98 11.75 15.82 -3.22
N LEU B 99 11.33 14.57 -3.35
CA LEU B 99 11.78 13.72 -4.42
C LEU B 99 11.35 14.22 -5.77
N VAL B 100 10.09 14.62 -5.87
CA VAL B 100 9.57 15.07 -7.14
C VAL B 100 10.24 16.38 -7.56
N ALA B 101 10.46 17.27 -6.59
CA ALA B 101 11.01 18.56 -6.92
C ALA B 101 12.46 18.43 -7.40
N LEU B 102 13.27 17.62 -6.73
CA LEU B 102 14.66 17.51 -7.14
C LEU B 102 14.82 16.60 -8.34
N GLU B 103 13.89 15.69 -8.50
CA GLU B 103 13.85 14.83 -9.67
C GLU B 103 13.46 15.65 -10.89
N ASN B 104 12.50 16.56 -10.74
CA ASN B 104 12.11 17.44 -11.83
C ASN B 104 13.20 18.45 -12.17
N GLN B 105 13.84 19.03 -11.16
CA GLN B 105 15.00 19.90 -11.36
C GLN B 105 16.01 19.18 -12.25
N HIS B 106 16.31 17.94 -11.90
CA HIS B 106 17.28 17.13 -12.61
C HIS B 106 16.86 16.87 -14.07
N THR B 107 15.57 16.68 -14.31
CA THR B 107 15.06 16.43 -15.64
C THR B 107 15.26 17.64 -16.50
N ILE B 108 14.97 18.81 -15.94
CA ILE B 108 15.06 20.06 -16.65
C ILE B 108 16.51 20.41 -16.89
N ASP B 109 17.33 20.18 -15.87
CA ASP B 109 18.76 20.40 -16.01
C ASP B 109 19.35 19.47 -17.06
N LEU B 110 18.97 18.19 -17.05
CA LEU B 110 19.57 17.24 -17.99
C LEU B 110 19.13 17.42 -19.46
N THR B 111 17.91 17.87 -19.69
CA THR B 111 17.43 18.07 -21.04
C THR B 111 18.01 19.34 -21.67
N ASP B 112 18.25 20.36 -20.85
CA ASP B 112 18.98 21.55 -21.28
C ASP B 112 20.46 21.18 -21.58
N ALA B 113 21.03 20.32 -20.76
CA ALA B 113 22.39 19.85 -20.96
C ALA B 113 22.57 19.17 -22.30
N GLU B 114 21.65 18.27 -22.67
CA GLU B 114 21.73 17.62 -23.98
C GLU B 114 21.61 18.59 -25.13
N MET B 115 20.80 19.63 -24.98
CA MET B 115 20.68 20.65 -26.02
C MET B 115 22.01 21.37 -26.18
N ASN B 116 22.65 21.66 -25.06
CA ASN B 116 23.96 22.29 -25.07
C ASN B 116 25.08 21.43 -25.63
N LYS B 117 25.11 20.16 -25.21
CA LYS B 117 26.12 19.23 -25.72
C LYS B 117 26.01 19.03 -27.23
N LEU B 118 24.80 19.05 -27.77
CA LEU B 118 24.63 18.88 -29.21
C LEU B 118 25.15 20.09 -29.98
N PHE B 119 24.89 21.28 -29.45
CA PHE B 119 25.48 22.48 -30.02
C PHE B 119 27.01 22.46 -29.96
N GLU B 120 27.57 22.08 -28.82
CA GLU B 120 29.01 22.00 -28.67
C GLU B 120 29.63 20.91 -29.53
N LYS B 121 28.98 19.78 -29.63
CA LYS B 121 29.45 18.70 -30.51
C LYS B 121 29.57 19.20 -31.96
N THR B 122 28.52 19.87 -32.43
CA THR B 122 28.49 20.45 -33.77
C THR B 122 29.56 21.53 -34.00
N ARG B 123 29.70 22.46 -33.06
CA ARG B 123 30.76 23.48 -33.10
C ARG B 123 32.15 22.89 -33.27
N ARG B 124 32.41 21.82 -32.53
CA ARG B 124 33.73 21.16 -32.55
C ARG B 124 34.10 20.46 -33.84
N GLN B 125 33.12 19.97 -34.59
CA GLN B 125 33.38 19.38 -35.92
C GLN B 125 33.68 20.45 -36.94
N LEU B 126 32.97 21.54 -36.84
CA LEU B 126 33.07 22.63 -37.78
C LEU B 126 34.38 23.40 -37.66
N ARG B 127 34.96 23.44 -36.47
CA ARG B 127 36.23 24.14 -36.25
C ARG B 127 36.11 25.57 -36.81
N GLU B 128 37.13 26.02 -37.54
CA GLU B 128 37.14 27.38 -38.08
C GLU B 128 36.41 27.50 -39.42
N ASN B 129 35.66 26.47 -39.83
CA ASN B 129 34.91 26.55 -41.07
C ASN B 129 33.55 27.24 -40.88
N ALA B 130 33.17 27.49 -39.62
CA ALA B 130 31.88 28.12 -39.32
C ALA B 130 31.99 29.13 -38.18
N GLU B 131 30.96 29.97 -38.03
CA GLU B 131 30.83 30.86 -36.89
C GLU B 131 29.50 30.66 -36.18
N ASP B 132 29.51 30.85 -34.87
CA ASP B 132 28.30 30.89 -34.05
C ASP B 132 27.56 32.18 -34.40
N MET B 133 26.28 32.07 -34.73
CA MET B 133 25.50 33.25 -35.14
C MET B 133 24.77 33.84 -33.94
N GLY B 134 24.94 33.23 -32.77
CA GLY B 134 24.42 33.77 -31.54
C GLY B 134 23.01 33.32 -31.19
N ASP B 135 22.41 32.49 -32.05
CA ASP B 135 21.01 32.06 -31.88
C ASP B 135 20.84 30.53 -31.95
N GLY B 136 21.95 29.81 -31.84
CA GLY B 136 21.94 28.36 -31.92
C GLY B 136 22.21 27.88 -33.32
N CYS B 137 22.61 28.78 -34.21
CA CYS B 137 22.94 28.41 -35.57
C CYS B 137 24.39 28.70 -35.88
N PHE B 138 24.88 28.03 -36.90
CA PHE B 138 26.19 28.28 -37.45
C PHE B 138 26.09 28.74 -38.88
N LYS B 139 26.81 29.79 -39.22
CA LYS B 139 27.08 30.12 -40.61
C LYS B 139 28.29 29.30 -41.05
N ILE B 140 28.10 28.45 -42.05
CA ILE B 140 29.17 27.61 -42.58
C ILE B 140 29.71 28.28 -43.83
N TYR B 141 31.00 28.62 -43.86
CA TYR B 141 31.56 29.43 -44.95
C TYR B 141 32.00 28.63 -46.17
N HIS B 142 31.28 27.55 -46.48
CA HIS B 142 31.50 26.84 -47.72
C HIS B 142 30.20 26.24 -48.26
N LYS B 143 30.24 25.80 -49.51
CA LYS B 143 29.09 25.13 -50.11
C LYS B 143 28.94 23.79 -49.43
N CYS B 144 27.74 23.53 -48.92
CA CYS B 144 27.50 22.34 -48.13
C CYS B 144 26.16 21.71 -48.57
N ASP B 145 26.24 20.72 -49.45
CA ASP B 145 25.04 20.05 -49.97
C ASP B 145 24.44 19.12 -48.92
N ASN B 146 23.44 18.32 -49.26
CA ASN B 146 22.76 17.50 -48.24
C ASN B 146 23.67 16.44 -47.66
N ALA B 147 24.58 15.91 -48.47
CA ALA B 147 25.54 14.90 -47.99
C ALA B 147 26.52 15.52 -46.99
N CYS B 148 26.95 16.75 -47.29
CA CYS B 148 27.80 17.52 -46.41
C CYS B 148 27.12 17.72 -45.05
N ILE B 149 25.89 18.21 -45.07
CA ILE B 149 25.13 18.38 -43.82
C ILE B 149 24.96 17.05 -43.10
N GLU B 150 24.68 15.99 -43.83
CA GLU B 150 24.51 14.69 -43.20
C GLU B 150 25.79 14.25 -42.47
N SER B 151 26.96 14.52 -43.05
CA SER B 151 28.23 14.17 -42.42
C SER B 151 28.37 14.90 -41.08
N ILE B 152 27.83 16.10 -41.00
CA ILE B 152 27.85 16.85 -39.75
C ILE B 152 26.90 16.24 -38.74
N ARG B 153 25.69 15.91 -39.20
CA ARG B 153 24.68 15.31 -38.34
C ARG B 153 25.12 13.93 -37.85
N THR B 154 25.97 13.27 -38.62
CA THR B 154 26.35 11.90 -38.36
C THR B 154 27.76 11.82 -37.73
N GLY B 155 28.39 12.97 -37.49
CA GLY B 155 29.72 13.01 -36.87
C GLY B 155 30.90 12.64 -37.75
N THR B 156 30.77 12.84 -39.07
CA THR B 156 31.78 12.41 -40.07
C THR B 156 32.41 13.55 -40.88
N TYR B 157 31.90 14.76 -40.71
CA TYR B 157 32.48 15.93 -41.35
C TYR B 157 33.99 15.96 -41.19
N ASP B 158 34.69 16.05 -42.31
CA ASP B 158 36.13 16.27 -42.30
C ASP B 158 36.34 17.71 -42.70
N HIS B 159 36.80 18.52 -41.76
CA HIS B 159 36.89 19.95 -41.97
C HIS B 159 38.07 20.30 -42.89
N TYR B 160 39.12 19.46 -42.89
CA TYR B 160 40.32 19.71 -43.70
C TYR B 160 40.02 19.83 -45.20
N VAL B 161 39.08 19.04 -45.72
CA VAL B 161 38.77 19.08 -47.16
C VAL B 161 38.14 20.42 -47.56
N TYR B 162 37.46 21.07 -46.63
CA TYR B 162 36.80 22.35 -46.90
C TYR B 162 37.57 23.56 -46.41
N ARG B 163 38.64 23.32 -45.63
CA ARG B 163 39.35 24.38 -44.91
C ARG B 163 39.71 25.57 -45.78
N ASP B 164 40.33 25.31 -46.93
CA ASP B 164 40.82 26.39 -47.79
C ASP B 164 39.70 27.23 -48.37
N GLU B 165 38.64 26.57 -48.85
CA GLU B 165 37.45 27.27 -49.34
C GLU B 165 36.85 28.14 -48.23
N ALA B 166 36.73 27.56 -47.04
CA ALA B 166 36.17 28.26 -45.90
C ALA B 166 36.94 29.54 -45.57
N LEU B 167 38.27 29.47 -45.58
CA LEU B 167 39.11 30.65 -45.33
C LEU B 167 39.00 31.71 -46.44
N ASN B 168 39.06 31.27 -47.69
CA ASN B 168 38.82 32.17 -48.82
C ASN B 168 37.58 33.03 -48.64
N ASN B 169 36.47 32.40 -48.27
CA ASN B 169 35.18 33.09 -48.18
C ASN B 169 34.99 33.88 -46.88
N ARG B 170 35.79 33.58 -45.87
CA ARG B 170 35.49 34.07 -44.52
C ARG B 170 35.95 35.50 -44.23
N PHE B 171 36.92 36.02 -44.99
CA PHE B 171 37.40 37.40 -44.78
C PHE B 171 37.24 38.25 -46.02
N GLN B 172 36.25 39.14 -46.00
CA GLN B 172 35.94 40.04 -47.11
C GLN B 172 35.86 41.48 -46.59
C1 NAG C . -4.51 24.08 -26.03
C2 NAG C . -5.82 23.47 -26.51
C3 NAG C . -6.71 24.58 -27.08
C4 NAG C . -6.73 25.87 -26.24
C5 NAG C . -5.35 26.23 -25.68
C6 NAG C . -5.40 27.35 -24.63
C7 NAG C . -6.22 21.41 -27.89
C8 NAG C . -7.58 21.14 -27.30
N2 NAG C . -5.48 22.46 -27.51
O3 NAG C . -8.03 24.08 -27.20
O4 NAG C . -7.15 26.95 -27.06
O5 NAG C . -4.74 25.10 -25.10
O6 NAG C . -6.02 26.92 -23.44
O7 NAG C . -5.79 20.63 -28.75
C1 NAG C . -8.58 27.23 -27.04
C2 NAG C . -8.99 28.65 -27.43
C3 NAG C . -10.36 29.03 -26.85
C4 NAG C . -11.34 27.86 -26.89
C5 NAG C . -10.76 26.61 -26.23
C6 NAG C . -11.75 25.44 -26.24
C7 NAG C . -7.89 30.83 -27.54
C8 NAG C . -6.76 31.71 -27.06
N2 NAG C . -7.96 29.60 -27.05
O3 NAG C . -10.91 30.10 -27.61
O4 NAG C . -12.55 28.24 -26.24
O5 NAG C . -9.56 26.22 -26.88
O6 NAG C . -11.35 24.44 -27.16
O7 NAG C . -8.70 31.29 -28.35
C1 NAG D . -27.42 -11.31 7.43
C2 NAG D . -28.05 -12.47 6.67
C3 NAG D . -29.38 -12.11 5.99
C4 NAG D . -30.24 -11.19 6.87
C5 NAG D . -29.38 -10.06 7.42
C6 NAG D . -30.12 -9.06 8.31
C7 NAG D . -26.55 -14.17 5.69
C8 NAG D . -25.53 -14.45 4.63
N2 NAG D . -27.06 -12.93 5.70
O3 NAG D . -30.08 -13.29 5.70
O4 NAG D . -31.31 -10.67 6.10
O5 NAG D . -28.39 -10.66 8.21
O6 NAG D . -30.55 -9.71 9.48
O7 NAG D . -26.87 -15.06 6.49
C1 NAG D . -32.57 -10.69 6.82
C2 NAG D . -33.47 -9.61 6.18
C3 NAG D . -34.93 -10.00 5.85
C4 NAG D . -35.38 -11.40 6.30
C5 NAG D . -34.46 -11.98 7.36
C6 NAG D . -34.83 -13.40 7.77
C7 NAG D . -34.09 -8.14 8.12
C8 NAG D . -33.90 -6.78 8.74
N2 NAG D . -33.42 -8.36 6.96
O3 NAG D . -35.08 -9.88 4.45
O4 NAG D . -36.73 -11.45 6.78
O5 NAG D . -33.15 -11.98 6.80
O6 NAG D . -34.68 -14.30 6.70
O7 NAG D . -34.82 -8.96 8.67
C1 BMA D . -37.69 -10.66 6.04
C2 BMA D . -37.86 -11.09 4.60
C3 BMA D . -38.45 -9.89 3.87
C4 BMA D . -39.70 -9.36 4.57
C5 BMA D . -39.80 -9.60 6.10
C6 BMA D . -41.25 -9.86 6.49
O2 BMA D . -38.74 -12.21 4.50
O3 BMA D . -38.76 -10.24 2.51
O4 BMA D . -39.74 -7.94 4.35
O5 BMA D . -39.01 -10.69 6.58
O6 BMA D . -41.35 -9.91 7.91
C1 NAG E . 4.33 11.05 -21.44
C2 NAG E . 4.50 10.29 -22.76
C3 NAG E . 3.90 8.88 -22.73
C4 NAG E . 3.89 8.18 -21.34
C5 NAG E . 4.06 9.12 -20.13
C6 NAG E . 4.62 8.38 -18.91
C7 NAG E . 4.59 11.43 -24.92
C8 NAG E . 3.82 12.16 -25.98
N2 NAG E . 3.89 11.01 -23.86
O3 NAG E . 4.60 8.07 -23.65
O4 NAG E . 2.65 7.50 -21.25
O5 NAG E . 4.88 10.24 -20.43
O6 NAG E . 6.02 8.53 -18.80
O7 NAG E . 5.80 11.23 -25.06
C1 NAG E . 2.72 6.16 -20.67
C2 NAG E . 1.38 5.46 -20.80
C3 NAG E . 1.40 4.09 -20.10
C4 NAG E . 2.67 3.28 -20.42
C5 NAG E . 3.93 4.15 -20.53
C6 NAG E . 5.10 3.37 -21.14
C7 NAG E . -0.44 7.10 -21.10
C8 NAG E . -1.54 7.90 -20.46
N2 NAG E . 0.29 6.30 -20.30
O3 NAG E . 0.25 3.36 -20.50
O4 NAG E . 2.97 2.31 -19.42
O5 NAG E . 3.69 5.33 -21.27
O6 NAG E . 6.04 4.24 -21.71
O7 NAG E . -0.25 7.21 -22.32
C1 BMA E . 2.11 1.14 -19.27
C2 BMA E . 1.92 0.36 -20.57
C3 BMA E . 1.24 -1.00 -20.33
C4 BMA E . 1.96 -1.79 -19.23
C5 BMA E . 2.06 -0.95 -17.96
C6 BMA E . 2.86 -1.62 -16.84
O2 BMA E . 3.17 0.14 -21.23
O3 BMA E . 1.24 -1.76 -21.55
O4 BMA E . 1.26 -3.00 -18.96
O5 BMA E . 2.68 0.31 -18.24
O6 BMA E . 2.69 -3.04 -16.82
C1 NAG F . -4.70 -31.74 39.55
C2 NAG F . -4.04 -32.31 40.80
C3 NAG F . -2.53 -32.32 40.62
C4 NAG F . -2.15 -33.01 39.31
C5 NAG F . -3.03 -32.57 38.13
C6 NAG F . -2.82 -33.44 36.88
C7 NAG F . -5.47 -31.80 42.77
C8 NAG F . -6.38 -32.96 42.48
N2 NAG F . -4.41 -31.54 41.98
O3 NAG F . -1.96 -32.98 41.72
O4 NAG F . -0.82 -32.70 39.01
O5 NAG F . -4.41 -32.58 38.45
O6 NAG F . -2.85 -34.81 37.19
O7 NAG F . -5.71 -31.11 43.76
C1 NAG F . 0.06 -33.83 39.15
C2 NAG F . 1.42 -33.54 38.52
C3 NAG F . 2.26 -34.81 38.55
C4 NAG F . 2.37 -35.33 39.98
C5 NAG F . 1.02 -35.34 40.72
C6 NAG F . 1.26 -35.49 42.22
C7 NAG F . 1.25 -31.72 36.88
C8 NAG F . 1.17 -31.34 35.42
N2 NAG F . 1.33 -33.02 37.16
O3 NAG F . 3.55 -34.56 38.06
O4 NAG F . 2.91 -36.63 39.97
O5 NAG F . 0.30 -34.14 40.51
O6 NAG F . 0.10 -35.16 42.94
O7 NAG F . 1.21 -30.82 37.72
C1 BMA F . 4.28 -36.66 40.41
C2 BMA F . 4.58 -38.00 41.05
C3 BMA F . 5.97 -37.98 41.68
C4 BMA F . 7.02 -37.49 40.68
C5 BMA F . 6.56 -36.26 39.88
C6 BMA F . 7.52 -35.90 38.74
O2 BMA F . 4.51 -39.01 40.04
O3 BMA F . 6.32 -39.31 42.13
O4 BMA F . 8.21 -37.15 41.40
O5 BMA F . 5.24 -36.44 39.37
O6 BMA F . 7.45 -36.79 37.61
C1 MAN F . 8.31 -37.97 37.58
C2 MAN F . 9.72 -37.82 38.19
C3 MAN F . 10.62 -36.94 37.31
C4 MAN F . 10.63 -37.46 35.88
C5 MAN F . 9.20 -37.59 35.37
C6 MAN F . 9.15 -38.16 33.96
O2 MAN F . 10.30 -39.09 38.32
O3 MAN F . 11.94 -36.91 37.82
O4 MAN F . 11.36 -36.59 35.06
O5 MAN F . 8.47 -38.45 36.25
O6 MAN F . 9.37 -37.13 33.02
C1 NAG G . -11.42 6.10 1.60
C2 NAG G . -11.92 7.20 0.64
C3 NAG G . -12.27 8.46 1.45
C4 NAG G . -13.11 8.14 2.69
C5 NAG G . -12.71 6.82 3.39
C6 NAG G . -13.70 6.26 4.41
C7 NAG G . -11.41 8.01 -1.63
C8 NAG G . -10.38 8.19 -2.70
N2 NAG G . -11.00 7.44 -0.48
O3 NAG G . -13.00 9.36 0.64
O4 NAG G . -12.87 9.22 3.55
O5 NAG G . -12.49 5.78 2.46
O6 NAG G . -15.03 6.64 4.11
O7 NAG G . -12.56 8.40 -1.82
C1 NAG G . -14.04 9.69 4.25
C2 NAG G . -13.58 10.25 5.60
C3 NAG G . -14.57 11.18 6.29
C4 NAG G . -15.75 11.69 5.45
C5 NAG G . -16.02 10.90 4.18
C6 NAG G . -16.98 11.63 3.24
C7 NAG G . -12.13 9.03 7.20
C8 NAG G . -12.01 7.80 8.05
N2 NAG G . -13.26 9.13 6.48
O3 NAG G . -13.87 12.32 6.78
O4 NAG G . -16.92 11.68 6.25
O5 NAG G . -14.78 10.65 3.53
O6 NAG G . -16.46 12.88 2.83
O7 NAG G . -11.24 9.88 7.20
C1 BMA G . -17.21 12.99 6.79
C2 BMA G . -18.71 13.22 6.82
C3 BMA G . -18.98 14.68 7.20
C4 BMA G . -18.19 15.13 8.43
C5 BMA G . -16.76 14.57 8.51
C6 BMA G . -16.20 14.69 9.93
O2 BMA G . -19.32 12.31 7.75
O3 BMA G . -20.39 14.85 7.46
O4 BMA G . -18.10 16.55 8.41
O5 BMA G . -16.70 13.19 8.10
O6 BMA G . -14.83 15.11 9.90
C1 MAN G . -13.93 14.26 10.67
C2 MAN G . -13.12 15.14 11.63
C3 MAN G . -11.72 14.61 11.99
C4 MAN G . -11.00 13.94 10.81
C5 MAN G . -11.84 14.00 9.54
C6 MAN G . -11.20 13.19 8.41
O2 MAN G . -13.85 15.34 12.82
O3 MAN G . -11.81 13.71 13.08
O4 MAN G . -9.75 14.54 10.59
O5 MAN G . -13.13 13.47 9.82
O6 MAN G . -11.23 13.93 7.22
C1 NAG H . 27.17 33.20 -55.28
C2 NAG H . 27.13 34.42 -56.21
C3 NAG H . 27.92 34.13 -57.50
C4 NAG H . 27.83 32.67 -57.98
C5 NAG H . 28.15 31.70 -56.83
C6 NAG H . 29.43 30.88 -57.07
C7 NAG H . 24.94 34.88 -57.42
C8 NAG H . 23.56 35.41 -57.22
N2 NAG H . 25.74 34.87 -56.34
O3 NAG H . 29.28 34.39 -57.25
O4 NAG H . 26.55 32.37 -58.51
O5 NAG H . 28.30 32.43 -55.63
O6 NAG H . 29.12 29.71 -57.80
O7 NAG H . 25.25 34.48 -58.55
S SO4 I . -11.39 -22.32 -1.24
O1 SO4 I . -10.78 -22.95 -2.43
O2 SO4 I . -10.46 -21.26 -0.74
O3 SO4 I . -11.60 -23.30 -0.17
O4 SO4 I . -12.70 -21.73 -1.61
S SO4 J . -22.21 -8.76 22.50
O1 SO4 J . -23.36 -7.82 22.54
O2 SO4 J . -22.64 -10.04 21.88
O3 SO4 J . -21.78 -9.06 23.88
O4 SO4 J . -21.10 -8.17 21.71
S SO4 K . 12.87 32.13 -18.17
O1 SO4 K . 13.09 33.29 -17.29
O2 SO4 K . 11.58 32.29 -18.88
O3 SO4 K . 12.83 30.90 -17.33
O4 SO4 K . 13.97 32.04 -19.16
S SO4 L . 7.74 25.37 -35.64
O1 SO4 L . 8.91 26.14 -36.13
O2 SO4 L . 6.49 25.86 -36.29
O3 SO4 L . 7.55 25.57 -34.17
O4 SO4 L . 7.94 23.93 -35.98
#